data_6MJO
#
_entry.id   6MJO
#
_cell.length_a   49.073
_cell.length_b   63.960
_cell.length_c   69.691
_cell.angle_alpha   90.00
_cell.angle_beta   90.00
_cell.angle_gamma   90.00
#
_symmetry.space_group_name_H-M   'P 21 21 21'
#
loop_
_entity.id
_entity.type
_entity.pdbx_description
1 polymer 'Low affinity immunoglobulin gamma Fc region receptor III'
2 branched alpha-D-mannopyranose-(1-3)-[alpha-D-mannopyranose-(1-6)]alpha-D-mannopyranose-(1-6)-[alpha-D-mannopyranose-(1-3)]beta-D-mannopyranose-(1-4)-2-acetamido-2-deoxy-beta-D-glucopyranose-(1-4)-2-acetamido-2-deoxy-beta-D-glucopyranose
3 non-polymer 2-acetamido-2-deoxy-beta-D-glucopyranose
4 water water
#
_entity_poly.entity_id   1
_entity_poly.type   'polypeptide(L)'
_entity_poly.pdbx_seq_one_letter_code
;MRAEDLPKAVVFLEPQWYRVLEKDSVTLKCQGAYSPEDQSTRWFHNESLISSQTSSYFIAAARVNNSGEYRCQTSLSTLS
DPVQLEVHIGWLLLQAPRWVFKEEESIHLRCHSWKNTLLHKVTYLQNGKGRKYFHQNSDFYIPKATLKDSGSYFCRGLIG
SKNVSSETVQITITQDLAVSSISSFFPPGYQV
;
_entity_poly.pdbx_strand_id   C
#
# COMPACT_ATOMS: atom_id res chain seq x y z
N ASP A 5 -13.60 -27.39 -6.30
CA ASP A 5 -13.33 -26.05 -5.81
C ASP A 5 -12.64 -26.05 -4.43
N LEU A 6 -11.32 -25.83 -4.44
CA LEU A 6 -10.52 -25.63 -3.24
C LEU A 6 -10.54 -24.16 -2.82
N PRO A 7 -10.23 -23.87 -1.55
CA PRO A 7 -10.17 -22.47 -1.08
C PRO A 7 -9.15 -21.64 -1.85
N LYS A 8 -9.44 -20.35 -2.00
CA LYS A 8 -8.54 -19.45 -2.73
C LYS A 8 -7.30 -19.16 -1.92
N ALA A 9 -6.15 -19.11 -2.60
CA ALA A 9 -5.01 -18.51 -1.91
C ALA A 9 -5.29 -17.03 -1.72
N VAL A 10 -4.53 -16.35 -0.84
CA VAL A 10 -4.69 -14.91 -0.60
C VAL A 10 -3.31 -14.25 -0.66
N VAL A 11 -3.21 -13.13 -1.40
CA VAL A 11 -2.02 -12.28 -1.42
C VAL A 11 -2.17 -11.19 -0.36
N PHE A 12 -1.10 -10.92 0.43
CA PHE A 12 -1.03 -9.81 1.37
C PHE A 12 0.21 -8.94 1.11
N LEU A 13 0.06 -7.62 1.31
CA LEU A 13 1.19 -6.73 1.21
C LEU A 13 1.84 -6.55 2.58
N GLU A 14 3.18 -6.52 2.62
CA GLU A 14 3.92 -6.18 3.83
C GLU A 14 5.07 -5.23 3.52
N PRO A 15 5.07 -3.99 4.07
CA PRO A 15 3.99 -3.43 4.88
C PRO A 15 2.71 -3.26 4.04
N GLN A 16 1.65 -2.81 4.67
CA GLN A 16 0.30 -2.86 4.12
C GLN A 16 0.05 -1.80 3.05
N TRP A 17 0.95 -0.86 2.85
CA TRP A 17 0.65 0.27 1.98
C TRP A 17 0.50 -0.17 0.52
N TYR A 18 -0.68 0.06 -0.08
CA TYR A 18 -0.83 -0.38 -1.49
C TYR A 18 -0.19 0.61 -2.45
N ARG A 19 0.16 1.81 -1.98
CA ARG A 19 0.86 2.81 -2.78
C ARG A 19 2.22 3.02 -2.17
N VAL A 20 3.26 2.96 -3.00
CA VAL A 20 4.64 3.10 -2.54
C VAL A 20 5.38 4.02 -3.48
N LEU A 21 6.53 4.53 -3.02
CA LEU A 21 7.39 5.35 -3.89
C LEU A 21 8.45 4.47 -4.52
N GLU A 22 8.97 4.91 -5.67
CA GLU A 22 10.14 4.24 -6.21
C GLU A 22 11.26 4.20 -5.18
N LYS A 23 11.97 3.06 -5.16
CA LYS A 23 13.05 2.67 -4.24
C LYS A 23 12.53 2.11 -2.91
N ASP A 24 11.22 2.05 -2.68
CA ASP A 24 10.73 1.37 -1.48
C ASP A 24 10.85 -0.13 -1.67
N SER A 25 10.98 -0.84 -0.55
CA SER A 25 10.84 -2.29 -0.50
C SER A 25 9.40 -2.72 -0.21
N VAL A 26 9.01 -3.82 -0.81
CA VAL A 26 7.67 -4.38 -0.67
C VAL A 26 7.80 -5.88 -0.66
N THR A 27 7.12 -6.56 0.25
CA THR A 27 7.04 -8.01 0.19
C THR A 27 5.60 -8.41 -0.05
N LEU A 28 5.36 -9.20 -1.09
CA LEU A 28 4.07 -9.84 -1.28
C LEU A 28 4.17 -11.22 -0.66
N LYS A 29 3.16 -11.61 0.10
CA LYS A 29 3.15 -12.92 0.75
C LYS A 29 1.91 -13.66 0.32
N CYS A 30 2.07 -14.96 0.11
CA CYS A 30 0.99 -15.86 -0.29
C CYS A 30 0.57 -16.69 0.90
N GLN A 31 -0.73 -16.79 1.14
CA GLN A 31 -1.26 -17.69 2.14
C GLN A 31 -2.15 -18.72 1.45
N GLY A 32 -1.79 -19.98 1.58
CA GLY A 32 -2.64 -21.00 1.01
C GLY A 32 -2.12 -22.34 1.48
N ALA A 33 -2.93 -23.36 1.23
CA ALA A 33 -2.61 -24.72 1.65
C ALA A 33 -1.67 -25.38 0.64
N TYR A 34 -0.77 -26.25 1.12
CA TYR A 34 0.14 -27.00 0.24
C TYR A 34 -0.04 -28.50 0.36
N SER A 35 0.02 -29.21 -0.75
CA SER A 35 0.07 -30.66 -0.65
CA SER A 35 0.06 -30.67 -0.63
C SER A 35 1.45 -31.07 -0.13
N PRO A 36 1.56 -32.14 0.65
CA PRO A 36 2.86 -32.46 1.25
C PRO A 36 4.01 -32.52 0.26
N GLU A 37 3.79 -33.09 -0.94
CA GLU A 37 4.89 -33.29 -1.86
C GLU A 37 5.18 -32.08 -2.74
N ASP A 38 4.42 -30.99 -2.64
CA ASP A 38 4.63 -29.80 -3.49
C ASP A 38 4.52 -28.53 -2.65
N GLN A 39 5.64 -28.00 -2.21
CA GLN A 39 5.65 -26.83 -1.35
C GLN A 39 5.85 -25.54 -2.15
N SER A 40 5.66 -25.57 -3.47
CA SER A 40 5.98 -24.41 -4.31
C SER A 40 4.76 -23.50 -4.48
N THR A 41 5.03 -22.23 -4.76
CA THR A 41 4.00 -21.22 -4.97
C THR A 41 4.18 -20.69 -6.38
N ARG A 42 3.06 -20.44 -7.07
CA ARG A 42 3.08 -19.74 -8.35
C ARG A 42 2.64 -18.30 -8.15
N TRP A 43 3.38 -17.38 -8.77
CA TRP A 43 3.08 -15.95 -8.68
C TRP A 43 2.75 -15.41 -10.06
N PHE A 44 1.83 -14.46 -10.13
CA PHE A 44 1.46 -13.77 -11.36
C PHE A 44 1.52 -12.27 -11.13
N HIS A 45 1.99 -11.55 -12.14
CA HIS A 45 1.94 -10.09 -12.14
C HIS A 45 1.30 -9.71 -13.46
N ASN A 46 0.26 -8.87 -13.41
CA ASN A 46 -0.43 -8.49 -14.63
C ASN A 46 -0.87 -9.72 -15.42
N GLU A 47 -1.33 -10.73 -14.69
CA GLU A 47 -1.82 -12.01 -15.24
C GLU A 47 -0.76 -12.85 -15.96
N SER A 48 0.53 -12.54 -15.84
CA SER A 48 1.56 -13.40 -16.39
C SER A 48 2.42 -14.00 -15.30
N LEU A 49 2.77 -15.30 -15.44
CA LEU A 49 3.60 -15.96 -14.45
C LEU A 49 4.91 -15.22 -14.29
N ILE A 50 5.37 -15.04 -13.05
CA ILE A 50 6.69 -14.47 -12.81
C ILE A 50 7.60 -15.51 -12.16
N SER A 51 8.85 -15.14 -11.93
CA SER A 51 9.91 -16.08 -11.61
C SER A 51 10.00 -16.48 -10.14
N SER A 52 9.17 -15.97 -9.24
CA SER A 52 9.31 -16.35 -7.84
C SER A 52 8.59 -17.68 -7.57
N GLN A 53 9.25 -18.59 -6.82
CA GLN A 53 8.72 -19.93 -6.55
C GLN A 53 8.34 -20.16 -5.10
N THR A 54 8.60 -19.17 -4.27
CA THR A 54 8.56 -19.13 -2.82
C THR A 54 7.27 -18.47 -2.35
N SER A 55 6.92 -18.68 -1.08
CA SER A 55 5.71 -18.08 -0.55
C SER A 55 5.82 -16.56 -0.38
N SER A 56 7.02 -15.98 -0.44
CA SER A 56 7.19 -14.53 -0.45
C SER A 56 7.78 -14.06 -1.77
N TYR A 57 7.27 -12.97 -2.30
CA TYR A 57 7.87 -12.34 -3.45
C TYR A 57 8.39 -10.98 -3.00
N PHE A 58 9.69 -10.77 -3.11
CA PHE A 58 10.28 -9.57 -2.52
C PHE A 58 10.70 -8.58 -3.60
N ILE A 59 10.23 -7.34 -3.49
CA ILE A 59 10.67 -6.27 -4.37
C ILE A 59 11.61 -5.41 -3.56
N ALA A 60 12.91 -5.48 -3.89
CA ALA A 60 13.91 -4.79 -3.08
C ALA A 60 13.85 -3.27 -3.27
N ALA A 61 13.70 -2.80 -4.51
CA ALA A 61 13.63 -1.36 -4.79
C ALA A 61 12.59 -1.17 -5.88
N ALA A 62 11.38 -0.76 -5.47
CA ALA A 62 10.25 -0.70 -6.39
C ALA A 62 10.52 0.28 -7.51
N ARG A 63 9.94 -0.03 -8.67
CA ARG A 63 9.94 0.85 -9.82
C ARG A 63 8.54 0.89 -10.37
N VAL A 64 8.29 1.91 -11.19
CA VAL A 64 6.94 2.12 -11.72
C VAL A 64 6.40 0.85 -12.35
N ASN A 65 7.22 0.11 -13.05
CA ASN A 65 6.68 -1.09 -13.71
CA ASN A 65 6.62 -1.06 -13.70
C ASN A 65 6.41 -2.25 -12.78
N ASN A 66 6.76 -2.15 -11.50
CA ASN A 66 6.23 -3.14 -10.56
C ASN A 66 4.77 -2.89 -10.23
N SER A 67 4.20 -1.74 -10.63
CA SER A 67 2.79 -1.49 -10.45
C SER A 67 1.96 -2.56 -11.14
N GLY A 68 0.76 -2.78 -10.63
CA GLY A 68 -0.12 -3.67 -11.32
C GLY A 68 -0.75 -4.61 -10.33
N GLU A 69 -1.34 -5.70 -10.83
CA GLU A 69 -2.04 -6.64 -9.97
C GLU A 69 -1.22 -7.90 -9.85
N TYR A 70 -1.22 -8.45 -8.63
CA TYR A 70 -0.54 -9.70 -8.29
C TYR A 70 -1.53 -10.75 -7.83
N ARG A 71 -1.19 -11.98 -8.15
CA ARG A 71 -1.99 -13.10 -7.72
C ARG A 71 -1.05 -14.24 -7.41
N CYS A 72 -1.54 -15.20 -6.64
CA CYS A 72 -0.66 -16.33 -6.32
C CYS A 72 -1.52 -17.57 -6.15
N GLN A 73 -0.86 -18.73 -6.21
CA GLN A 73 -1.55 -20.02 -6.08
C GLN A 73 -0.62 -21.03 -5.41
N THR A 74 -1.15 -21.80 -4.47
CA THR A 74 -0.36 -22.87 -3.86
C THR A 74 -0.89 -24.21 -4.36
N SER A 75 -0.23 -25.30 -3.96
CA SER A 75 -0.55 -26.55 -4.64
C SER A 75 -1.92 -27.08 -4.26
N LEU A 76 -2.45 -26.70 -3.11
CA LEU A 76 -3.79 -27.09 -2.70
C LEU A 76 -4.69 -25.88 -2.49
N SER A 77 -4.60 -24.90 -3.38
CA SER A 77 -5.51 -23.76 -3.33
C SER A 77 -5.91 -23.42 -4.76
N THR A 78 -6.91 -22.56 -4.91
CA THR A 78 -7.18 -22.02 -6.23
C THR A 78 -6.55 -20.63 -6.35
N LEU A 79 -6.42 -20.13 -7.59
CA LEU A 79 -5.76 -18.85 -7.83
C LEU A 79 -6.36 -17.73 -6.99
N SER A 80 -5.51 -16.90 -6.38
CA SER A 80 -6.02 -15.84 -5.49
C SER A 80 -6.69 -14.73 -6.29
N ASP A 81 -7.51 -13.95 -5.60
CA ASP A 81 -7.94 -12.67 -6.16
C ASP A 81 -6.73 -11.75 -6.34
N PRO A 82 -6.79 -10.82 -7.29
CA PRO A 82 -5.67 -9.90 -7.51
C PRO A 82 -5.63 -8.86 -6.42
N VAL A 83 -4.40 -8.46 -6.06
CA VAL A 83 -4.12 -7.37 -5.15
C VAL A 83 -3.30 -6.35 -5.94
N GLN A 84 -3.69 -5.09 -5.84
CA GLN A 84 -3.07 -4.05 -6.66
C GLN A 84 -1.99 -3.35 -5.87
N LEU A 85 -0.89 -3.07 -6.55
CA LEU A 85 0.23 -2.30 -6.03
C LEU A 85 0.42 -1.08 -6.93
N GLU A 86 0.53 0.10 -6.34
CA GLU A 86 0.81 1.30 -7.12
C GLU A 86 2.17 1.83 -6.74
N VAL A 87 3.10 1.90 -7.69
CA VAL A 87 4.39 2.53 -7.46
C VAL A 87 4.39 3.91 -8.12
N HIS A 88 4.65 4.95 -7.30
CA HIS A 88 4.58 6.35 -7.70
C HIS A 88 5.97 6.92 -7.70
N ILE A 89 6.13 8.00 -8.45
CA ILE A 89 7.31 8.83 -8.41
C ILE A 89 6.96 10.09 -7.65
N GLY A 90 7.79 10.47 -6.70
CA GLY A 90 7.56 11.76 -6.03
C GLY A 90 8.51 11.92 -4.89
N TRP A 91 8.60 13.13 -4.40
CA TRP A 91 9.29 13.32 -3.14
C TRP A 91 8.43 12.89 -1.94
N LEU A 92 7.11 13.02 -2.03
CA LEU A 92 6.21 12.71 -0.93
C LEU A 92 5.03 11.93 -1.47
N LEU A 93 4.54 11.03 -0.64
CA LEU A 93 3.42 10.14 -0.99
C LEU A 93 2.52 9.98 0.24
N LEU A 94 1.24 10.27 0.08
CA LEU A 94 0.31 9.91 1.15
C LEU A 94 -0.02 8.43 1.02
N GLN A 95 0.28 7.63 2.06
CA GLN A 95 0.01 6.20 2.02
C GLN A 95 -1.20 5.85 2.88
N ALA A 96 -1.96 4.85 2.43
CA ALA A 96 -3.08 4.28 3.16
C ALA A 96 -3.09 2.78 2.86
N PRO A 97 -3.69 1.96 3.73
CA PRO A 97 -3.73 0.51 3.43
C PRO A 97 -4.76 0.14 2.36
N ARG A 98 -5.74 1.02 2.13
CA ARG A 98 -6.74 0.95 1.06
C ARG A 98 -7.36 2.34 0.95
N TRP A 99 -8.33 2.48 0.05
CA TRP A 99 -8.94 3.78 -0.16
C TRP A 99 -10.42 3.78 0.11
N VAL A 100 -10.98 2.62 0.47
CA VAL A 100 -12.38 2.51 0.87
C VAL A 100 -12.46 2.01 2.29
N PHE A 101 -13.17 2.73 3.15
CA PHE A 101 -13.32 2.34 4.54
C PHE A 101 -14.79 2.31 4.89
N LYS A 102 -15.16 1.38 5.78
CA LYS A 102 -16.48 1.37 6.36
C LYS A 102 -16.54 2.30 7.57
N GLU A 103 -17.71 2.85 7.83
CA GLU A 103 -17.89 3.64 9.02
C GLU A 103 -17.37 2.86 10.23
N GLU A 104 -16.79 3.59 11.18
CA GLU A 104 -16.29 3.09 12.46
C GLU A 104 -14.99 2.30 12.36
N GLU A 105 -14.52 1.97 11.16
CA GLU A 105 -13.17 1.44 11.00
C GLU A 105 -12.11 2.51 11.31
N SER A 106 -10.89 2.03 11.56
CA SER A 106 -9.74 2.90 11.80
C SER A 106 -9.04 3.23 10.46
N ILE A 107 -8.56 4.46 10.33
CA ILE A 107 -7.85 4.90 9.12
C ILE A 107 -6.45 5.34 9.52
N HIS A 108 -5.46 4.71 8.95
CA HIS A 108 -4.06 4.94 9.26
C HIS A 108 -3.44 5.53 8.01
N LEU A 109 -3.00 6.77 8.08
CA LEU A 109 -2.41 7.46 6.95
C LEU A 109 -0.97 7.77 7.30
N ARG A 110 -0.12 7.80 6.29
CA ARG A 110 1.28 8.08 6.53
C ARG A 110 1.81 9.00 5.44
N CYS A 111 2.57 10.01 5.83
CA CYS A 111 3.22 10.89 4.87
C CYS A 111 4.64 10.38 4.66
N HIS A 112 4.87 9.73 3.51
CA HIS A 112 6.11 9.02 3.27
C HIS A 112 6.99 9.84 2.33
N SER A 113 8.26 10.03 2.68
CA SER A 113 9.20 10.75 1.82
C SER A 113 10.07 9.78 1.01
N TRP A 114 10.47 10.23 -0.17
CA TRP A 114 11.36 9.40 -1.02
C TRP A 114 12.63 9.02 -0.29
N LYS A 115 12.92 7.72 -0.27
CA LYS A 115 14.11 7.18 0.39
C LYS A 115 14.13 7.48 1.88
N ASN A 116 12.96 7.70 2.46
CA ASN A 116 12.87 8.05 3.87
C ASN A 116 13.67 9.29 4.21
N THR A 117 13.84 10.21 3.25
CA THR A 117 14.52 11.46 3.54
C THR A 117 13.83 12.13 4.72
N LEU A 118 14.61 12.74 5.60
CA LEU A 118 14.05 13.34 6.82
C LEU A 118 13.08 14.46 6.46
N LEU A 119 11.89 14.37 7.01
CA LEU A 119 10.79 15.27 6.72
C LEU A 119 10.30 15.88 8.03
N HIS A 120 9.96 17.16 8.03
CA HIS A 120 9.41 17.70 9.27
C HIS A 120 8.41 18.79 8.90
N LYS A 121 7.67 19.27 9.90
CA LYS A 121 6.63 20.28 9.72
C LYS A 121 5.56 19.77 8.73
N VAL A 122 4.97 18.66 9.10
CA VAL A 122 4.08 17.90 8.21
C VAL A 122 2.64 18.30 8.46
N THR A 123 1.93 18.61 7.39
CA THR A 123 0.50 18.85 7.46
C THR A 123 -0.20 17.78 6.63
N TYR A 124 -1.26 17.22 7.19
CA TYR A 124 -2.18 16.40 6.43
C TYR A 124 -3.38 17.28 6.11
N LEU A 125 -3.83 17.27 4.86
CA LEU A 125 -4.92 18.12 4.42
C LEU A 125 -6.05 17.25 3.89
N GLN A 126 -7.28 17.72 4.10
CA GLN A 126 -8.47 17.05 3.59
C GLN A 126 -9.29 18.08 2.84
N ASN A 127 -9.59 17.81 1.57
CA ASN A 127 -10.41 18.68 0.75
C ASN A 127 -9.82 20.08 0.73
N GLY A 128 -8.49 20.15 0.63
CA GLY A 128 -7.81 21.41 0.48
C GLY A 128 -7.63 22.19 1.75
N LYS A 129 -8.11 21.68 2.89
CA LYS A 129 -7.99 22.34 4.19
C LYS A 129 -7.06 21.57 5.10
N GLY A 130 -6.24 22.28 5.87
CA GLY A 130 -5.38 21.66 6.84
C GLY A 130 -6.22 20.86 7.82
N ARG A 131 -5.84 19.61 8.05
CA ARG A 131 -6.56 18.74 8.96
C ARG A 131 -5.74 18.38 10.18
N LYS A 132 -4.43 18.12 10.04
CA LYS A 132 -3.65 17.77 11.23
C LYS A 132 -2.20 18.17 11.00
N TYR A 133 -1.56 18.78 12.00
CA TYR A 133 -0.18 19.24 11.87
C TYR A 133 0.74 18.57 12.87
N PHE A 134 1.96 18.24 12.44
CA PHE A 134 2.96 17.61 13.29
C PHE A 134 4.27 18.31 13.09
N HIS A 135 4.85 18.83 14.17
CA HIS A 135 6.16 19.45 14.02
C HIS A 135 7.17 18.42 13.53
N GLN A 136 7.12 17.22 14.10
CA GLN A 136 7.96 16.12 13.64
C GLN A 136 7.11 15.10 12.91
N ASN A 137 7.71 14.46 11.91
CA ASN A 137 6.92 13.58 11.07
C ASN A 137 6.26 12.51 11.95
N SER A 138 4.98 12.26 11.69
CA SER A 138 4.20 11.28 12.43
C SER A 138 3.07 10.80 11.55
N ASP A 139 2.64 9.55 11.74
CA ASP A 139 1.47 9.04 11.02
C ASP A 139 0.21 9.69 11.55
N PHE A 140 -0.88 9.60 10.79
CA PHE A 140 -2.14 10.22 11.14
C PHE A 140 -3.18 9.11 11.28
N TYR A 141 -3.80 9.02 12.46
CA TYR A 141 -4.78 7.97 12.76
C TYR A 141 -6.14 8.60 12.96
N ILE A 142 -7.13 8.09 12.25
CA ILE A 142 -8.53 8.40 12.53
C ILE A 142 -9.13 7.16 13.18
N PRO A 143 -9.37 7.16 14.48
CA PRO A 143 -9.70 5.89 15.15
C PRO A 143 -11.04 5.35 14.74
N LYS A 144 -12.01 6.21 14.47
CA LYS A 144 -13.37 5.77 14.11
C LYS A 144 -13.83 6.66 12.97
N ALA A 145 -13.77 6.15 11.75
CA ALA A 145 -14.15 6.91 10.57
C ALA A 145 -15.65 7.23 10.56
N THR A 146 -15.99 8.41 10.06
CA THR A 146 -17.36 8.81 9.80
C THR A 146 -17.46 9.27 8.36
N LEU A 147 -18.69 9.50 7.89
CA LEU A 147 -18.87 10.12 6.58
C LEU A 147 -18.16 11.46 6.46
N LYS A 148 -17.88 12.14 7.57
CA LYS A 148 -17.15 13.41 7.47
C LYS A 148 -15.70 13.24 7.03
N ASP A 149 -15.15 12.03 7.12
CA ASP A 149 -13.78 11.73 6.69
C ASP A 149 -13.59 11.44 5.19
N SER A 150 -14.67 11.26 4.42
CA SER A 150 -14.51 11.17 2.96
C SER A 150 -13.86 12.42 2.39
N GLY A 151 -13.00 12.25 1.40
CA GLY A 151 -12.49 13.44 0.74
C GLY A 151 -11.19 13.18 0.02
N SER A 152 -10.64 14.27 -0.51
CA SER A 152 -9.36 14.25 -1.19
C SER A 152 -8.29 14.61 -0.17
N TYR A 153 -7.33 13.73 0.06
CA TYR A 153 -6.30 13.96 1.06
C TYR A 153 -4.97 14.13 0.38
N PHE A 154 -4.13 14.97 0.98
CA PHE A 154 -2.72 14.95 0.61
C PHE A 154 -1.93 15.42 1.82
N CYS A 155 -0.62 15.36 1.72
CA CYS A 155 0.21 15.87 2.79
C CYS A 155 1.31 16.75 2.22
N ARG A 156 1.89 17.54 3.11
CA ARG A 156 2.96 18.44 2.73
C ARG A 156 3.92 18.59 3.88
N GLY A 157 5.13 19.00 3.56
CA GLY A 157 6.14 19.12 4.59
C GLY A 157 7.39 19.81 4.09
N LEU A 158 8.40 19.85 4.95
CA LEU A 158 9.70 20.42 4.63
C LEU A 158 10.73 19.31 4.55
N ILE A 159 11.45 19.26 3.43
CA ILE A 159 12.62 18.41 3.28
C ILE A 159 13.81 19.35 3.15
N GLY A 160 14.76 19.23 4.06
CA GLY A 160 15.68 20.32 4.25
C GLY A 160 14.92 21.60 4.53
N SER A 161 14.96 22.52 3.58
CA SER A 161 14.22 23.77 3.72
C SER A 161 13.32 24.05 2.53
N LYS A 162 13.06 23.03 1.70
CA LYS A 162 12.12 23.21 0.61
C LYS A 162 10.78 22.58 0.98
N ASN A 163 9.69 23.26 0.65
CA ASN A 163 8.37 22.70 0.83
C ASN A 163 8.17 21.66 -0.25
N VAL A 164 7.62 20.51 0.12
CA VAL A 164 7.18 19.52 -0.85
C VAL A 164 5.74 19.15 -0.49
N SER A 165 4.95 18.83 -1.52
CA SER A 165 3.62 18.28 -1.33
C SER A 165 3.48 16.95 -2.05
N SER A 166 2.54 16.12 -1.58
CA SER A 166 2.21 14.88 -2.27
C SER A 166 1.02 15.11 -3.18
N GLU A 167 0.81 14.18 -4.10
CA GLU A 167 -0.43 14.16 -4.88
C GLU A 167 -1.60 13.72 -4.01
N THR A 168 -2.81 14.02 -4.45
CA THR A 168 -3.99 13.71 -3.65
C THR A 168 -4.40 12.26 -3.81
N VAL A 169 -5.05 11.74 -2.77
CA VAL A 169 -5.66 10.42 -2.73
C VAL A 169 -7.10 10.59 -2.35
N GLN A 170 -8.01 10.01 -3.10
CA GLN A 170 -9.39 10.02 -2.67
C GLN A 170 -9.63 8.93 -1.64
N ILE A 171 -10.25 9.28 -0.52
CA ILE A 171 -10.63 8.32 0.50
C ILE A 171 -12.13 8.34 0.64
N THR A 172 -12.75 7.17 0.56
CA THR A 172 -14.19 7.03 0.51
C THR A 172 -14.66 6.20 1.69
N ILE A 173 -15.66 6.68 2.39
CA ILE A 173 -16.24 5.95 3.52
C ILE A 173 -17.61 5.50 3.12
N THR A 174 -17.91 4.24 3.37
CA THR A 174 -19.16 3.62 2.96
C THR A 174 -19.98 3.20 4.19
N GLN A 175 -21.26 2.89 3.94
CA GLN A 175 -22.17 2.44 5.00
C GLN A 175 -22.45 0.92 5.02
#